data_6R2M
#
_entry.id   6R2M
#
_cell.length_a   40.080
_cell.length_b   71.560
_cell.length_c   131.300
_cell.angle_alpha   90.00
_cell.angle_beta   95.80
_cell.angle_gamma   90.00
#
_symmetry.space_group_name_H-M   'P 1 21 1'
#
loop_
_entity.id
_entity.type
_entity.pdbx_description
1 polymer 'Glycoside transferase'
2 water water
#
_entity_poly.entity_id   1
_entity_poly.type   'polypeptide(L)'
_entity_poly.pdbx_seq_one_letter_code
;MRPESKKTVSAPKETTPTSTSVQTYVKENYTAKNGLIVDYKNAQEPHYLAESIGLYMEYLVEVNDSKTFQEQVSHLEKNF
ITEDNFIKWEATDATTTNAIVDDFRITEALYQASEKFSFPSYKKMADKILANTKKYSAEQGVPVDFYDFVHKKKADTLHL
SYLNIQAMQQINYRDKAYLPIQTVNADPFFTEVFQNEQFQYADPSEVNMIDQMLIAMAYFDENGDVEPNFDNFLQTELAS
KGKVYARYQRETKKPSSENESTAVYAFLTQYFNKTNQAKNGKITKELLEKMDTSNPETTHFFDYINKEITLKKKLAAALE
HHHHHH
;
_entity_poly.pdbx_strand_id   A,B
#
# COMPACT_ATOMS: atom_id res chain seq x y z
N SER A 10 -22.47 -24.81 26.60
CA SER A 10 -22.66 -24.37 25.21
C SER A 10 -21.34 -24.01 24.56
N ALA A 11 -20.54 -25.03 24.22
CA ALA A 11 -19.25 -24.80 23.58
C ALA A 11 -18.84 -26.00 22.74
N PRO A 12 -18.41 -25.81 21.50
CA PRO A 12 -17.93 -26.94 20.71
C PRO A 12 -16.62 -27.49 21.26
N LYS A 13 -16.35 -28.74 20.91
CA LYS A 13 -15.05 -29.32 21.24
C LYS A 13 -13.95 -28.45 20.66
N GLU A 14 -12.90 -28.21 21.46
CA GLU A 14 -11.83 -27.34 21.02
C GLU A 14 -11.04 -28.00 19.90
N THR A 15 -10.84 -27.26 18.81
CA THR A 15 -10.16 -27.75 17.62
C THR A 15 -8.78 -27.11 17.51
N THR A 16 -7.89 -27.73 16.72
CA THR A 16 -6.56 -27.20 16.46
C THR A 16 -6.58 -26.35 15.20
N PRO A 17 -6.42 -25.02 15.29
CA PRO A 17 -6.45 -24.19 14.09
C PRO A 17 -5.29 -24.49 13.16
N THR A 18 -5.50 -24.17 11.87
CA THR A 18 -4.40 -24.27 10.91
C THR A 18 -3.38 -23.17 11.12
N SER A 19 -3.77 -22.08 11.77
CA SER A 19 -2.92 -20.93 12.01
CA SER A 19 -2.87 -21.00 12.11
C SER A 19 -3.60 -20.06 13.04
N THR A 20 -2.80 -19.30 13.80
CA THR A 20 -3.36 -18.37 14.76
C THR A 20 -2.92 -16.93 14.55
N SER A 21 -2.17 -16.64 13.47
CA SER A 21 -1.55 -15.32 13.35
C SER A 21 -2.59 -14.23 13.10
N VAL A 22 -3.62 -14.52 12.28
CA VAL A 22 -4.66 -13.53 12.03
C VAL A 22 -5.43 -13.24 13.30
N GLN A 23 -5.79 -14.29 14.04
CA GLN A 23 -6.49 -14.11 15.32
C GLN A 23 -5.69 -13.21 16.26
N THR A 24 -4.38 -13.46 16.36
CA THR A 24 -3.52 -12.64 17.21
C THR A 24 -3.49 -11.20 16.71
N TYR A 25 -3.41 -11.02 15.39
CA TYR A 25 -3.35 -9.68 14.81
C TYR A 25 -4.68 -8.94 15.01
N VAL A 26 -5.80 -9.65 14.88
CA VAL A 26 -7.09 -9.01 15.09
C VAL A 26 -7.26 -8.60 16.55
N LYS A 27 -6.87 -9.49 17.47
CA LYS A 27 -6.92 -9.15 18.89
C LYS A 27 -6.10 -7.90 19.20
N GLU A 28 -4.94 -7.78 18.55
CA GLU A 28 -4.03 -6.67 18.88
C GLU A 28 -4.39 -5.37 18.17
N ASN A 29 -5.05 -5.43 17.02
CA ASN A 29 -5.18 -4.23 16.20
C ASN A 29 -6.60 -3.83 15.84
N TYR A 30 -7.54 -4.77 15.78
CA TYR A 30 -8.88 -4.45 15.34
C TYR A 30 -9.92 -4.72 16.42
N THR A 31 -9.52 -4.85 17.67
CA THR A 31 -10.47 -5.17 18.73
C THR A 31 -10.53 -4.03 19.74
N ALA A 32 -11.75 -3.54 19.98
CA ALA A 32 -11.96 -2.54 21.01
C ALA A 32 -11.98 -3.20 22.39
N LYS A 33 -11.99 -2.36 23.43
CA LYS A 33 -11.90 -2.86 24.80
C LYS A 33 -13.06 -3.79 25.14
N ASN A 34 -14.24 -3.57 24.55
CA ASN A 34 -15.37 -4.46 24.81
C ASN A 34 -15.34 -5.74 23.98
N GLY A 35 -14.29 -5.95 23.19
CA GLY A 35 -14.18 -7.17 22.42
C GLY A 35 -14.77 -7.10 21.04
N LEU A 36 -15.32 -5.96 20.63
CA LEU A 36 -15.93 -5.91 19.31
C LEU A 36 -14.88 -5.55 18.27
N ILE A 37 -15.09 -6.04 17.04
CA ILE A 37 -14.19 -5.79 15.92
C ILE A 37 -14.54 -4.46 15.28
N VAL A 38 -13.53 -3.57 15.14
CA VAL A 38 -13.71 -2.22 14.62
C VAL A 38 -13.25 -2.16 13.16
N ASP A 39 -13.75 -1.14 12.44
CA ASP A 39 -13.43 -1.02 11.02
C ASP A 39 -12.01 -0.50 10.79
N TYR A 40 -11.56 0.47 11.60
CA TYR A 40 -10.19 0.95 11.55
C TYR A 40 -9.66 1.09 12.96
N LYS A 41 -8.37 0.80 13.14
CA LYS A 41 -7.73 1.04 14.43
C LYS A 41 -7.62 2.54 14.68
N ASN A 42 -7.92 2.96 15.92
CA ASN A 42 -7.79 4.37 16.32
C ASN A 42 -8.64 5.28 15.44
N ALA A 43 -9.82 4.81 15.05
CA ALA A 43 -10.69 5.64 14.22
C ALA A 43 -11.31 6.75 15.04
N GLN A 44 -11.46 7.92 14.42
CA GLN A 44 -12.21 9.00 15.07
C GLN A 44 -13.68 8.65 15.18
N GLU A 45 -14.23 7.98 14.16
CA GLU A 45 -15.63 7.57 14.10
C GLU A 45 -15.66 6.05 13.91
N PRO A 46 -15.41 5.29 14.97
CA PRO A 46 -15.36 3.82 14.82
C PRO A 46 -16.73 3.22 14.60
N HIS A 47 -16.75 2.13 13.83
CA HIS A 47 -17.97 1.37 13.60
C HIS A 47 -17.71 -0.09 13.89
N TYR A 48 -18.60 -0.70 14.66
CA TYR A 48 -18.52 -2.10 15.06
C TYR A 48 -19.57 -2.86 14.24
N LEU A 49 -19.14 -3.35 13.08
CA LEU A 49 -20.04 -3.78 12.01
C LEU A 49 -20.40 -5.26 12.10
N ALA A 50 -21.68 -5.58 11.85
CA ALA A 50 -22.06 -6.98 11.67
C ALA A 50 -21.27 -7.59 10.53
N GLU A 51 -20.93 -6.78 9.53
CA GLU A 51 -20.11 -7.23 8.42
C GLU A 51 -18.76 -7.76 8.92
N SER A 52 -18.12 -7.01 9.80
CA SER A 52 -16.79 -7.39 10.28
C SER A 52 -16.84 -8.68 11.11
N ILE A 53 -17.77 -8.77 12.08
CA ILE A 53 -17.82 -9.98 12.90
C ILE A 53 -18.19 -11.18 12.04
N GLY A 54 -19.08 -11.00 11.06
CA GLY A 54 -19.43 -12.11 10.18
C GLY A 54 -18.25 -12.58 9.33
N LEU A 55 -17.44 -11.63 8.83
CA LEU A 55 -16.26 -12.01 8.04
C LEU A 55 -15.24 -12.72 8.93
N TYR A 56 -15.07 -12.24 10.16
CA TYR A 56 -14.16 -12.91 11.07
C TYR A 56 -14.66 -14.31 11.38
N MET A 57 -15.97 -14.47 11.60
CA MET A 57 -16.53 -15.81 11.79
C MET A 57 -16.25 -16.71 10.60
N GLU A 58 -16.44 -16.18 9.39
CA GLU A 58 -16.15 -16.95 8.17
C GLU A 58 -14.69 -17.41 8.16
N TYR A 59 -13.76 -16.50 8.45
CA TYR A 59 -12.35 -16.85 8.50
C TYR A 59 -12.09 -17.94 9.54
N LEU A 60 -12.70 -17.83 10.72
CA LEU A 60 -12.40 -18.76 11.81
C LEU A 60 -12.86 -20.16 11.49
N VAL A 61 -13.96 -20.32 10.74
CA VAL A 61 -14.34 -21.66 10.28
C VAL A 61 -13.31 -22.19 9.30
N GLU A 62 -12.82 -21.33 8.40
CA GLU A 62 -11.85 -21.76 7.41
C GLU A 62 -10.56 -22.26 8.05
N VAL A 63 -10.14 -21.64 9.15
CA VAL A 63 -8.89 -22.03 9.81
C VAL A 63 -9.13 -22.98 10.99
N ASN A 64 -10.35 -23.50 11.14
CA ASN A 64 -10.64 -24.57 12.10
C ASN A 64 -10.40 -24.13 13.53
N ASP A 65 -10.89 -22.94 13.88
CA ASP A 65 -10.67 -22.39 15.23
C ASP A 65 -12.01 -22.28 15.97
N SER A 66 -12.41 -23.39 16.60
CA SER A 66 -13.72 -23.40 17.24
C SER A 66 -13.77 -22.48 18.45
N LYS A 67 -12.67 -22.39 19.19
CA LYS A 67 -12.69 -21.56 20.39
C LYS A 67 -12.90 -20.09 20.07
N THR A 68 -12.14 -19.56 19.11
CA THR A 68 -12.34 -18.15 18.74
C THR A 68 -13.69 -17.97 18.06
N PHE A 69 -14.16 -18.95 17.29
CA PHE A 69 -15.47 -18.85 16.67
C PHE A 69 -16.57 -18.68 17.73
N GLN A 70 -16.54 -19.52 18.78
CA GLN A 70 -17.56 -19.41 19.82
C GLN A 70 -17.44 -18.09 20.57
N GLU A 71 -16.22 -17.57 20.75
CA GLU A 71 -16.08 -16.27 21.39
C GLU A 71 -16.79 -15.20 20.57
N GLN A 72 -16.70 -15.30 19.24
CA GLN A 72 -17.40 -14.37 18.37
C GLN A 72 -18.91 -14.57 18.44
N VAL A 73 -19.38 -15.83 18.50
CA VAL A 73 -20.82 -16.06 18.61
C VAL A 73 -21.36 -15.40 19.88
N SER A 74 -20.58 -15.46 20.97
CA SER A 74 -20.99 -14.82 22.22
C SER A 74 -21.09 -13.32 22.06
N HIS A 75 -20.09 -12.69 21.41
CA HIS A 75 -20.18 -11.25 21.17
C HIS A 75 -21.36 -10.92 20.27
N LEU A 76 -21.61 -11.76 19.27
CA LEU A 76 -22.76 -11.57 18.41
C LEU A 76 -24.06 -11.59 19.22
N GLU A 77 -24.20 -12.56 20.11
CA GLU A 77 -25.44 -12.70 20.88
C GLU A 77 -25.62 -11.54 21.83
N LYS A 78 -24.54 -11.05 22.42
CA LYS A 78 -24.68 -10.02 23.45
C LYS A 78 -24.76 -8.61 22.89
N ASN A 79 -24.28 -8.38 21.67
CA ASN A 79 -24.18 -7.02 21.16
C ASN A 79 -24.94 -6.77 19.88
N PHE A 80 -25.29 -7.81 19.11
CA PHE A 80 -25.88 -7.60 17.79
C PHE A 80 -27.28 -8.15 17.66
N ILE A 81 -27.59 -9.29 18.28
CA ILE A 81 -28.87 -9.96 18.04
C ILE A 81 -29.92 -9.41 19.00
N THR A 82 -31.04 -8.95 18.44
CA THR A 82 -32.12 -8.43 19.25
C THR A 82 -32.95 -9.57 19.84
N GLU A 83 -33.87 -9.20 20.73
CA GLU A 83 -34.73 -10.21 21.34
C GLU A 83 -35.68 -10.84 20.34
N ASP A 84 -35.97 -10.17 19.22
CA ASP A 84 -36.75 -10.80 18.14
C ASP A 84 -35.86 -11.31 17.00
N ASN A 85 -34.58 -11.58 17.28
CA ASN A 85 -33.72 -12.38 16.41
C ASN A 85 -33.30 -11.63 15.14
N PHE A 86 -33.28 -10.30 15.19
CA PHE A 86 -32.66 -9.51 14.14
C PHE A 86 -31.20 -9.28 14.49
N ILE A 87 -30.38 -9.07 13.46
CA ILE A 87 -28.96 -8.76 13.64
C ILE A 87 -28.79 -7.28 13.29
N LYS A 88 -28.50 -6.44 14.28
CA LYS A 88 -28.18 -5.05 14.01
C LYS A 88 -27.00 -4.94 13.05
N TRP A 89 -27.08 -4.06 12.05
CA TRP A 89 -25.96 -3.96 11.11
C TRP A 89 -24.73 -3.35 11.77
N GLU A 90 -24.88 -2.62 12.88
CA GLU A 90 -23.75 -2.25 13.72
C GLU A 90 -24.21 -2.22 15.18
N ALA A 91 -23.26 -2.37 16.09
CA ALA A 91 -23.58 -2.61 17.49
C ALA A 91 -23.67 -1.29 18.26
N THR A 92 -24.78 -0.58 18.06
CA THR A 92 -25.10 0.59 18.87
C THR A 92 -26.57 0.51 19.26
N ASP A 93 -26.89 1.17 20.38
CA ASP A 93 -28.27 1.21 20.85
C ASP A 93 -29.19 1.91 19.86
N ALA A 94 -28.64 2.86 19.10
CA ALA A 94 -29.42 3.65 18.16
C ALA A 94 -29.70 2.94 16.86
N THR A 95 -29.09 1.78 16.62
CA THR A 95 -29.27 1.06 15.37
C THR A 95 -30.60 0.32 15.38
N THR A 96 -31.41 0.53 14.35
CA THR A 96 -32.75 -0.04 14.33
C THR A 96 -32.99 -0.93 13.12
N THR A 97 -31.95 -1.25 12.35
CA THR A 97 -32.08 -2.02 11.13
C THR A 97 -31.01 -3.10 11.07
N ASN A 98 -31.31 -4.14 10.29
CA ASN A 98 -30.32 -5.13 9.87
C ASN A 98 -29.73 -4.70 8.52
N ALA A 99 -28.95 -5.58 7.91
CA ALA A 99 -28.59 -5.50 6.48
C ALA A 99 -28.55 -6.93 5.99
N ILE A 100 -29.37 -7.27 4.98
CA ILE A 100 -29.53 -8.69 4.68
C ILE A 100 -28.21 -9.34 4.29
N VAL A 101 -27.30 -8.59 3.66
CA VAL A 101 -26.02 -9.17 3.24
C VAL A 101 -25.25 -9.67 4.45
N ASP A 102 -25.35 -8.96 5.58
CA ASP A 102 -24.65 -9.35 6.80
C ASP A 102 -25.34 -10.51 7.50
N ASP A 103 -26.68 -10.58 7.43
CA ASP A 103 -27.38 -11.74 7.96
C ASP A 103 -26.99 -12.98 7.19
N PHE A 104 -26.98 -12.88 5.86
CA PHE A 104 -26.61 -14.01 4.99
C PHE A 104 -25.21 -14.52 5.32
N ARG A 105 -24.27 -13.61 5.50
CA ARG A 105 -22.90 -14.00 5.79
C ARG A 105 -22.80 -14.72 7.13
N ILE A 106 -23.47 -14.19 8.15
CA ILE A 106 -23.37 -14.77 9.49
C ILE A 106 -24.04 -16.13 9.52
N THR A 107 -25.24 -16.25 8.95
CA THR A 107 -25.93 -17.53 8.98
C THR A 107 -25.19 -18.57 8.15
N GLU A 108 -24.60 -18.17 7.02
CA GLU A 108 -23.77 -19.10 6.26
C GLU A 108 -22.60 -19.59 7.11
N ALA A 109 -21.96 -18.70 7.84
CA ALA A 109 -20.84 -19.09 8.69
C ALA A 109 -21.28 -20.07 9.77
N LEU A 110 -22.46 -19.82 10.35
CA LEU A 110 -22.99 -20.71 11.39
C LEU A 110 -23.30 -22.09 10.83
N TYR A 111 -23.89 -22.15 9.63
CA TYR A 111 -24.17 -23.46 9.04
C TYR A 111 -22.88 -24.22 8.81
N GLN A 112 -21.87 -23.55 8.24
CA GLN A 112 -20.59 -24.21 7.98
C GLN A 112 -19.91 -24.63 9.27
N ALA A 113 -19.99 -23.79 10.31
CA ALA A 113 -19.40 -24.10 11.60
C ALA A 113 -20.13 -25.26 12.29
N SER A 114 -21.45 -25.34 12.14
CA SER A 114 -22.17 -26.48 12.71
C SER A 114 -21.61 -27.81 12.21
N GLU A 115 -21.18 -27.86 10.95
CA GLU A 115 -20.58 -29.07 10.42
C GLU A 115 -19.11 -29.16 10.82
N LYS A 116 -18.35 -28.10 10.57
CA LYS A 116 -16.91 -28.12 10.83
C LYS A 116 -16.61 -28.46 12.28
N PHE A 117 -17.40 -27.93 13.22
CA PHE A 117 -17.15 -28.07 14.64
C PHE A 117 -18.11 -29.05 15.33
N SER A 118 -18.89 -29.81 14.56
CA SER A 118 -19.82 -30.83 15.08
C SER A 118 -20.66 -30.27 16.23
N PHE A 119 -21.39 -29.21 15.92
CA PHE A 119 -22.11 -28.43 16.94
C PHE A 119 -23.46 -28.04 16.37
N PRO A 120 -24.47 -28.91 16.51
CA PRO A 120 -25.76 -28.66 15.85
C PRO A 120 -26.43 -27.36 16.26
N SER A 121 -26.17 -26.85 17.46
CA SER A 121 -26.90 -25.64 17.86
C SER A 121 -26.55 -24.43 16.99
N TYR A 122 -25.37 -24.41 16.35
CA TYR A 122 -25.09 -23.34 15.40
C TYR A 122 -26.08 -23.41 14.22
N LYS A 123 -26.42 -24.61 13.80
CA LYS A 123 -27.33 -24.75 12.64
C LYS A 123 -28.72 -24.25 13.04
N LYS A 124 -29.15 -24.62 14.24
CA LYS A 124 -30.48 -24.21 14.67
C LYS A 124 -30.55 -22.71 14.90
N MET A 125 -29.44 -22.12 15.37
CA MET A 125 -29.37 -20.67 15.49
C MET A 125 -29.50 -20.00 14.14
N ALA A 126 -28.79 -20.52 13.13
CA ALA A 126 -28.87 -19.93 11.80
C ALA A 126 -30.26 -20.08 11.20
N ASP A 127 -30.91 -21.24 11.42
CA ASP A 127 -32.28 -21.45 10.95
C ASP A 127 -33.18 -20.33 11.45
N LYS A 128 -33.07 -20.02 12.74
CA LYS A 128 -33.98 -19.06 13.38
C LYS A 128 -33.74 -17.66 12.84
N ILE A 129 -32.47 -17.26 12.75
CA ILE A 129 -32.15 -15.93 12.25
C ILE A 129 -32.56 -15.80 10.79
N LEU A 130 -32.19 -16.79 9.96
CA LEU A 130 -32.39 -16.64 8.53
C LEU A 130 -33.87 -16.70 8.16
N ALA A 131 -34.64 -17.54 8.87
CA ALA A 131 -36.08 -17.54 8.63
C ALA A 131 -36.68 -16.18 8.94
N ASN A 132 -36.21 -15.56 10.02
CA ASN A 132 -36.67 -14.22 10.36
C ASN A 132 -36.27 -13.18 9.30
N THR A 133 -35.05 -13.29 8.77
CA THR A 133 -34.62 -12.38 7.71
C THR A 133 -35.50 -12.52 6.47
N LYS A 134 -35.76 -13.76 6.06
CA LYS A 134 -36.62 -14.00 4.91
C LYS A 134 -38.02 -13.44 5.13
N LYS A 135 -38.53 -13.56 6.36
CA LYS A 135 -39.91 -13.16 6.64
C LYS A 135 -40.08 -11.64 6.59
N TYR A 136 -39.17 -10.91 7.21
CA TYR A 136 -39.38 -9.47 7.43
C TYR A 136 -38.63 -8.58 6.46
N SER A 137 -37.43 -8.96 6.00
CA SER A 137 -36.66 -8.09 5.12
C SER A 137 -36.96 -8.41 3.65
N ALA A 138 -38.24 -8.34 3.31
CA ALA A 138 -38.71 -8.78 2.00
C ALA A 138 -40.06 -8.13 1.72
N GLU A 139 -40.35 -7.93 0.44
CA GLU A 139 -41.63 -7.41 -0.01
C GLU A 139 -42.20 -8.43 -0.96
N GLN A 140 -43.28 -9.10 -0.54
CA GLN A 140 -43.95 -10.14 -1.31
C GLN A 140 -43.00 -11.27 -1.71
N GLY A 141 -42.11 -11.63 -0.80
CA GLY A 141 -41.19 -12.73 -1.01
C GLY A 141 -39.88 -12.35 -1.67
N VAL A 142 -39.72 -11.10 -2.10
CA VAL A 142 -38.52 -10.64 -2.79
C VAL A 142 -37.69 -9.84 -1.78
N PRO A 143 -36.42 -10.15 -1.57
CA PRO A 143 -35.67 -9.46 -0.52
C PRO A 143 -35.55 -7.96 -0.78
N VAL A 144 -35.53 -7.20 0.31
CA VAL A 144 -35.12 -5.81 0.30
C VAL A 144 -33.98 -5.65 1.30
N ASP A 145 -33.33 -4.48 1.28
CA ASP A 145 -32.04 -4.36 1.95
C ASP A 145 -32.12 -4.57 3.45
N PHE A 146 -33.24 -4.21 4.07
CA PHE A 146 -33.29 -4.21 5.52
C PHE A 146 -34.73 -4.09 5.97
N TYR A 147 -34.91 -4.40 7.25
CA TYR A 147 -36.16 -4.19 7.95
C TYR A 147 -35.84 -3.38 9.19
N ASP A 148 -36.55 -2.27 9.39
CA ASP A 148 -36.43 -1.52 10.62
C ASP A 148 -37.34 -2.15 11.65
N PHE A 149 -36.76 -2.83 12.63
CA PHE A 149 -37.51 -3.59 13.62
C PHE A 149 -37.96 -2.74 14.79
N VAL A 150 -37.64 -1.45 14.81
CA VAL A 150 -38.18 -0.52 15.80
C VAL A 150 -39.37 0.23 15.23
N HIS A 151 -39.24 0.81 14.03
CA HIS A 151 -40.33 1.49 13.36
C HIS A 151 -41.20 0.54 12.54
N LYS A 152 -40.79 -0.72 12.39
CA LYS A 152 -41.58 -1.74 11.71
C LYS A 152 -41.87 -1.33 10.27
N LYS A 153 -40.80 -1.00 9.55
CA LYS A 153 -40.87 -0.58 8.16
C LYS A 153 -39.79 -1.30 7.38
N LYS A 154 -40.13 -1.75 6.18
CA LYS A 154 -39.16 -2.40 5.29
C LYS A 154 -38.50 -1.37 4.39
N ALA A 155 -37.27 -1.68 3.97
CA ALA A 155 -36.63 -0.88 2.93
C ALA A 155 -37.40 -0.97 1.63
N ASP A 156 -37.32 0.09 0.82
CA ASP A 156 -37.95 0.07 -0.49
C ASP A 156 -36.93 -0.10 -1.61
N THR A 157 -35.71 -0.49 -1.29
CA THR A 157 -34.68 -0.77 -2.28
C THR A 157 -34.14 -2.17 -2.07
N LEU A 158 -33.67 -2.78 -3.16
CA LEU A 158 -32.78 -3.92 -3.08
C LEU A 158 -31.50 -3.56 -3.83
N HIS A 159 -30.39 -3.50 -3.10
CA HIS A 159 -29.08 -3.42 -3.74
C HIS A 159 -28.64 -4.83 -4.09
N LEU A 160 -28.36 -5.07 -5.38
CA LEU A 160 -28.03 -6.42 -5.81
C LEU A 160 -26.74 -6.93 -5.18
N SER A 161 -25.85 -6.02 -4.75
CA SER A 161 -24.63 -6.43 -4.07
C SER A 161 -24.89 -7.05 -2.71
N TYR A 162 -26.11 -6.98 -2.21
CA TYR A 162 -26.47 -7.61 -0.95
C TYR A 162 -26.91 -9.06 -1.13
N LEU A 163 -27.00 -9.56 -2.36
CA LEU A 163 -27.52 -10.90 -2.57
C LEU A 163 -26.44 -11.94 -2.29
N ASN A 164 -26.83 -12.99 -1.58
CA ASN A 164 -25.96 -14.12 -1.30
C ASN A 164 -26.78 -15.32 -1.76
N ILE A 165 -26.49 -15.81 -2.98
CA ILE A 165 -27.35 -16.83 -3.58
C ILE A 165 -27.33 -18.12 -2.75
N GLN A 166 -26.15 -18.52 -2.28
CA GLN A 166 -26.07 -19.73 -1.46
C GLN A 166 -26.94 -19.60 -0.21
N ALA A 167 -26.89 -18.45 0.47
CA ALA A 167 -27.68 -18.30 1.69
C ALA A 167 -29.17 -18.31 1.36
N MET A 168 -29.55 -17.67 0.25
CA MET A 168 -30.97 -17.62 -0.10
C MET A 168 -31.52 -18.98 -0.46
N GLN A 169 -30.71 -19.84 -1.09
CA GLN A 169 -31.16 -21.19 -1.38
C GLN A 169 -31.28 -22.02 -0.12
N GLN A 170 -30.43 -21.75 0.88
CA GLN A 170 -30.48 -22.49 2.14
C GLN A 170 -31.83 -22.33 2.85
N ILE A 171 -32.49 -21.19 2.68
CA ILE A 171 -33.76 -20.92 3.35
C ILE A 171 -34.92 -20.90 2.35
N ASN A 172 -34.69 -21.35 1.11
CA ASN A 172 -35.75 -21.58 0.13
C ASN A 172 -36.60 -20.34 -0.15
N TYR A 173 -35.94 -19.23 -0.47
CA TYR A 173 -36.69 -18.13 -1.05
C TYR A 173 -37.46 -18.60 -2.26
N ARG A 174 -38.64 -18.02 -2.48
CA ARG A 174 -39.44 -18.34 -3.64
C ARG A 174 -38.72 -17.94 -4.93
N ASP A 175 -39.16 -18.51 -6.04
CA ASP A 175 -38.50 -18.28 -7.32
C ASP A 175 -38.47 -16.79 -7.67
N LYS A 176 -39.54 -16.07 -7.34
CA LYS A 176 -39.66 -14.67 -7.69
C LYS A 176 -38.59 -13.82 -7.02
N ALA A 177 -38.05 -14.30 -5.89
CA ALA A 177 -37.01 -13.57 -5.18
C ALA A 177 -35.76 -13.39 -6.03
N TYR A 178 -35.57 -14.23 -7.03
CA TYR A 178 -34.37 -14.23 -7.84
C TYR A 178 -34.55 -13.46 -9.14
N LEU A 179 -35.76 -12.97 -9.42
CA LEU A 179 -35.98 -12.22 -10.65
C LEU A 179 -35.03 -11.04 -10.81
N PRO A 180 -34.70 -10.26 -9.77
CA PRO A 180 -33.76 -9.15 -9.99
C PRO A 180 -32.42 -9.61 -10.54
N ILE A 181 -31.79 -10.62 -9.94
CA ILE A 181 -30.47 -11.03 -10.43
C ILE A 181 -30.57 -11.85 -11.71
N GLN A 182 -31.72 -12.43 -12.00
CA GLN A 182 -31.90 -13.13 -13.27
C GLN A 182 -32.06 -12.18 -14.44
N THR A 183 -32.48 -10.94 -14.21
CA THR A 183 -32.87 -10.05 -15.30
C THR A 183 -32.04 -8.77 -15.38
N VAL A 184 -31.10 -8.55 -14.45
CA VAL A 184 -30.25 -7.36 -14.50
C VAL A 184 -29.32 -7.44 -15.71
N ASN A 185 -28.99 -6.28 -16.26
CA ASN A 185 -28.03 -6.13 -17.34
C ASN A 185 -26.83 -5.31 -16.87
N ALA A 186 -25.70 -5.53 -17.52
CA ALA A 186 -24.52 -4.69 -17.37
C ALA A 186 -24.17 -4.05 -18.71
N ASP A 187 -23.78 -2.77 -18.70
CA ASP A 187 -23.54 -2.11 -19.98
C ASP A 187 -22.47 -1.01 -19.94
N PRO A 188 -21.24 -1.31 -19.50
CA PRO A 188 -20.74 -2.62 -19.08
C PRO A 188 -20.86 -2.86 -17.57
N PHE A 189 -21.42 -1.89 -16.83
CA PHE A 189 -21.61 -2.02 -15.39
C PHE A 189 -23.05 -2.37 -15.08
N PHE A 190 -23.23 -3.10 -13.98
CA PHE A 190 -24.56 -3.48 -13.52
C PHE A 190 -25.27 -2.27 -12.93
N THR A 191 -26.58 -2.18 -13.21
CA THR A 191 -27.46 -1.33 -12.42
C THR A 191 -27.58 -1.94 -11.03
N GLU A 192 -27.17 -1.20 -10.00
CA GLU A 192 -27.02 -1.81 -8.69
C GLU A 192 -28.32 -1.91 -7.91
N VAL A 193 -29.35 -1.13 -8.26
CA VAL A 193 -30.50 -0.95 -7.40
C VAL A 193 -31.76 -1.45 -8.12
N PHE A 194 -32.55 -2.25 -7.40
CA PHE A 194 -33.84 -2.72 -7.87
C PHE A 194 -34.90 -2.07 -6.99
N GLN A 195 -35.79 -1.30 -7.60
CA GLN A 195 -36.79 -0.57 -6.84
C GLN A 195 -38.02 -0.42 -7.71
N ASN A 196 -39.19 -0.69 -7.14
CA ASN A 196 -40.45 -0.59 -7.87
C ASN A 196 -40.39 -1.38 -9.19
N GLU A 197 -39.82 -2.59 -9.11
CA GLU A 197 -39.74 -3.53 -10.22
C GLU A 197 -38.90 -3.00 -11.39
N GLN A 198 -38.06 -1.99 -11.16
CA GLN A 198 -37.17 -1.44 -12.19
C GLN A 198 -35.76 -1.36 -11.64
N PHE A 199 -34.81 -1.20 -12.55
CA PHE A 199 -33.39 -1.10 -12.21
C PHE A 199 -32.92 0.34 -12.35
N GLN A 200 -32.03 0.74 -11.45
CA GLN A 200 -31.40 2.05 -11.51
C GLN A 200 -29.97 1.92 -11.01
N TYR A 201 -29.13 2.90 -11.39
CA TYR A 201 -27.78 2.93 -10.88
C TYR A 201 -27.74 3.59 -9.50
N ALA A 202 -26.75 3.18 -8.71
CA ALA A 202 -26.65 3.66 -7.34
C ALA A 202 -26.24 5.12 -7.28
N ASP A 203 -25.47 5.58 -8.27
CA ASP A 203 -24.90 6.91 -8.29
C ASP A 203 -24.99 7.45 -9.71
N PRO A 204 -25.19 8.76 -9.88
CA PRO A 204 -25.35 9.28 -11.24
C PRO A 204 -24.10 9.16 -12.11
N SER A 205 -22.91 9.00 -11.54
CA SER A 205 -21.73 9.00 -12.41
C SER A 205 -20.67 7.96 -12.06
N GLU A 206 -20.67 7.35 -10.88
CA GLU A 206 -19.59 6.47 -10.48
C GLU A 206 -20.13 5.10 -10.10
N VAL A 207 -19.34 4.06 -10.39
CA VAL A 207 -19.59 2.72 -9.86
C VAL A 207 -18.48 2.35 -8.91
N ASN A 208 -18.83 1.62 -7.85
CA ASN A 208 -17.87 1.06 -6.90
C ASN A 208 -17.64 -0.41 -7.27
N MET A 209 -16.40 -0.77 -7.59
CA MET A 209 -16.15 -2.10 -8.12
C MET A 209 -16.27 -3.20 -7.06
N ILE A 210 -16.22 -2.88 -5.77
CA ILE A 210 -16.60 -3.87 -4.76
C ILE A 210 -18.03 -4.32 -5.00
N ASP A 211 -18.95 -3.36 -5.12
CA ASP A 211 -20.34 -3.70 -5.32
C ASP A 211 -20.54 -4.38 -6.67
N GLN A 212 -19.87 -3.89 -7.71
CA GLN A 212 -19.98 -4.53 -9.02
C GLN A 212 -19.50 -5.98 -8.98
N MET A 213 -18.39 -6.27 -8.28
CA MET A 213 -17.91 -7.64 -8.24
C MET A 213 -18.89 -8.54 -7.49
N LEU A 214 -19.49 -8.02 -6.41
CA LEU A 214 -20.45 -8.85 -5.68
C LEU A 214 -21.67 -9.16 -6.54
N ILE A 215 -22.13 -8.19 -7.35
CA ILE A 215 -23.25 -8.46 -8.25
C ILE A 215 -22.85 -9.50 -9.29
N ALA A 216 -21.65 -9.37 -9.85
CA ALA A 216 -21.21 -10.30 -10.87
C ALA A 216 -21.15 -11.71 -10.33
N MET A 217 -20.68 -11.87 -9.09
CA MET A 217 -20.63 -13.21 -8.51
C MET A 217 -22.02 -13.77 -8.24
N ALA A 218 -22.95 -12.93 -7.75
CA ALA A 218 -24.32 -13.39 -7.57
C ALA A 218 -24.95 -13.74 -8.90
N TYR A 219 -24.66 -12.95 -9.94
CA TYR A 219 -25.17 -13.24 -11.27
C TYR A 219 -24.75 -14.63 -11.72
N PHE A 220 -23.45 -14.93 -11.60
CA PHE A 220 -22.97 -16.25 -12.00
C PHE A 220 -23.58 -17.34 -11.13
N ASP A 221 -23.66 -17.09 -9.83
CA ASP A 221 -24.19 -18.09 -8.91
C ASP A 221 -25.62 -18.48 -9.25
N GLU A 222 -26.45 -17.50 -9.62
CA GLU A 222 -27.85 -17.77 -9.89
C GLU A 222 -28.06 -18.24 -11.33
N ASN A 223 -27.42 -17.59 -12.29
CA ASN A 223 -27.73 -17.81 -13.69
C ASN A 223 -26.86 -18.86 -14.36
N GLY A 224 -25.71 -19.20 -13.78
CA GLY A 224 -24.87 -20.26 -14.31
C GLY A 224 -23.93 -19.82 -15.41
N ASP A 225 -23.96 -18.55 -15.77
CA ASP A 225 -23.08 -17.99 -16.78
C ASP A 225 -22.74 -16.57 -16.35
N VAL A 226 -21.64 -16.05 -16.88
CA VAL A 226 -21.26 -14.68 -16.54
C VAL A 226 -22.06 -13.71 -17.39
N GLU A 227 -22.23 -12.52 -16.85
CA GLU A 227 -22.76 -11.43 -17.63
C GLU A 227 -21.63 -11.00 -18.56
N PRO A 228 -21.79 -11.12 -19.88
CA PRO A 228 -20.62 -10.99 -20.77
C PRO A 228 -20.10 -9.57 -20.92
N ASN A 229 -20.94 -8.56 -20.71
CA ASN A 229 -20.49 -7.19 -20.84
C ASN A 229 -19.58 -6.82 -19.68
N PHE A 230 -19.98 -7.19 -18.47
CA PHE A 230 -19.09 -6.95 -17.34
C PHE A 230 -17.85 -7.80 -17.44
N ASP A 231 -18.00 -9.07 -17.85
CA ASP A 231 -16.83 -9.93 -17.93
C ASP A 231 -15.83 -9.38 -18.94
N ASN A 232 -16.31 -8.88 -20.08
CA ASN A 232 -15.41 -8.31 -21.07
C ASN A 232 -14.72 -7.06 -20.54
N PHE A 233 -15.44 -6.21 -19.80
CA PHE A 233 -14.79 -5.06 -19.20
C PHE A 233 -13.62 -5.50 -18.32
N LEU A 234 -13.84 -6.50 -17.47
CA LEU A 234 -12.77 -6.96 -16.60
C LEU A 234 -11.58 -7.46 -17.41
N GLN A 235 -11.85 -8.26 -18.44
CA GLN A 235 -10.77 -8.82 -19.24
C GLN A 235 -9.98 -7.72 -19.95
N THR A 236 -10.66 -6.72 -20.49
CA THR A 236 -9.95 -5.69 -21.25
C THR A 236 -9.18 -4.73 -20.33
N GLU A 237 -9.69 -4.49 -19.12
CA GLU A 237 -8.91 -3.71 -18.14
C GLU A 237 -7.64 -4.45 -17.76
N LEU A 238 -7.75 -5.74 -17.44
CA LEU A 238 -6.55 -6.50 -17.07
C LEU A 238 -5.55 -6.57 -18.22
N ALA A 239 -6.04 -6.80 -19.43
CA ALA A 239 -5.15 -6.92 -20.58
C ALA A 239 -4.47 -5.60 -20.90
N SER A 240 -5.19 -4.49 -20.79
CA SER A 240 -4.61 -3.22 -21.21
C SER A 240 -3.84 -2.51 -20.11
N LYS A 241 -4.25 -2.68 -18.85
CA LYS A 241 -3.65 -1.96 -17.75
C LYS A 241 -2.95 -2.85 -16.74
N GLY A 242 -3.21 -4.16 -16.75
CA GLY A 242 -2.67 -5.01 -15.72
C GLY A 242 -3.25 -4.74 -14.36
N LYS A 243 -4.40 -4.08 -14.29
CA LYS A 243 -5.05 -3.72 -13.04
C LYS A 243 -6.55 -3.64 -13.28
N VAL A 244 -7.30 -3.67 -12.19
CA VAL A 244 -8.70 -3.24 -12.19
C VAL A 244 -8.83 -2.21 -11.08
N TYR A 245 -9.37 -1.05 -11.41
CA TYR A 245 -9.37 0.03 -10.44
C TYR A 245 -10.57 -0.05 -9.50
N ALA A 246 -10.47 0.68 -8.38
CA ALA A 246 -11.48 0.60 -7.33
C ALA A 246 -12.81 1.21 -7.74
N ARG A 247 -12.78 2.28 -8.53
CA ARG A 247 -14.01 2.98 -8.91
C ARG A 247 -13.88 3.51 -10.33
N TYR A 248 -14.99 3.49 -11.08
CA TYR A 248 -14.99 3.98 -12.45
C TYR A 248 -16.12 4.97 -12.68
N GLN A 249 -15.89 5.88 -13.64
CA GLN A 249 -16.92 6.78 -14.12
C GLN A 249 -17.72 6.07 -15.21
N ARG A 250 -19.04 6.05 -15.06
CA ARG A 250 -19.85 5.27 -15.99
C ARG A 250 -19.89 5.88 -17.38
N GLU A 251 -19.86 7.21 -17.48
CA GLU A 251 -20.03 7.86 -18.76
C GLU A 251 -18.83 7.62 -19.67
N THR A 252 -17.63 7.64 -19.10
CA THR A 252 -16.39 7.52 -19.87
C THR A 252 -15.78 6.14 -19.79
N LYS A 253 -16.17 5.33 -18.81
CA LYS A 253 -15.54 4.05 -18.47
C LYS A 253 -14.09 4.24 -18.02
N LYS A 254 -13.72 5.44 -17.64
CA LYS A 254 -12.39 5.71 -17.12
C LYS A 254 -12.38 5.61 -15.59
N PRO A 255 -11.26 5.22 -14.99
CA PRO A 255 -11.21 5.13 -13.53
C PRO A 255 -11.40 6.50 -12.90
N SER A 256 -12.08 6.54 -11.74
CA SER A 256 -12.23 7.80 -11.02
C SER A 256 -10.89 8.33 -10.54
N SER A 257 -10.00 7.42 -10.18
CA SER A 257 -8.61 7.71 -9.86
C SER A 257 -7.86 6.41 -10.12
N GLU A 258 -6.55 6.43 -9.91
CA GLU A 258 -5.82 5.17 -10.09
C GLU A 258 -5.78 4.33 -8.82
N ASN A 259 -6.59 4.66 -7.82
CA ASN A 259 -6.63 3.85 -6.61
C ASN A 259 -7.11 2.43 -6.92
N GLU A 260 -6.44 1.46 -6.33
CA GLU A 260 -6.86 0.07 -6.40
C GLU A 260 -7.50 -0.33 -5.07
N SER A 261 -8.25 -1.44 -5.09
CA SER A 261 -8.97 -1.91 -3.91
C SER A 261 -8.56 -3.34 -3.59
N THR A 262 -8.14 -3.57 -2.35
CA THR A 262 -7.83 -4.93 -1.92
C THR A 262 -9.03 -5.85 -2.08
N ALA A 263 -10.21 -5.41 -1.62
CA ALA A 263 -11.40 -6.25 -1.71
C ALA A 263 -11.74 -6.58 -3.16
N VAL A 264 -11.56 -5.61 -4.07
CA VAL A 264 -11.82 -5.86 -5.49
C VAL A 264 -10.95 -6.97 -6.01
N TYR A 265 -9.66 -6.98 -5.65
CA TYR A 265 -8.82 -8.07 -6.13
C TYR A 265 -9.16 -9.40 -5.45
N ALA A 266 -9.57 -9.38 -4.18
CA ALA A 266 -10.01 -10.62 -3.55
C ALA A 266 -11.24 -11.19 -4.27
N PHE A 267 -12.20 -10.33 -4.57
CA PHE A 267 -13.41 -10.82 -5.23
C PHE A 267 -13.16 -11.17 -6.70
N LEU A 268 -12.27 -10.45 -7.38
CA LEU A 268 -11.88 -10.87 -8.74
C LEU A 268 -11.25 -12.24 -8.74
N THR A 269 -10.36 -12.51 -7.78
CA THR A 269 -9.73 -13.82 -7.69
C THR A 269 -10.77 -14.91 -7.51
N GLN A 270 -11.73 -14.69 -6.60
CA GLN A 270 -12.83 -15.63 -6.40
C GLN A 270 -13.66 -15.80 -7.67
N TYR A 271 -13.95 -14.69 -8.36
CA TYR A 271 -14.79 -14.73 -9.54
C TYR A 271 -14.11 -15.48 -10.68
N PHE A 272 -12.82 -15.18 -10.92
CA PHE A 272 -12.13 -15.86 -12.00
C PHE A 272 -11.98 -17.35 -11.71
N ASN A 273 -11.80 -17.71 -10.45
CA ASN A 273 -11.70 -19.15 -10.14
C ASN A 273 -13.06 -19.85 -10.23
N LYS A 274 -14.14 -19.17 -9.88
CA LYS A 274 -15.47 -19.77 -10.02
C LYS A 274 -15.87 -19.93 -11.48
N THR A 275 -15.40 -19.05 -12.37
CA THR A 275 -15.84 -19.02 -13.75
C THR A 275 -14.83 -19.63 -14.72
N ASN A 276 -13.89 -20.42 -14.19
CA ASN A 276 -12.97 -21.21 -15.01
C ASN A 276 -12.06 -20.29 -15.83
N GLN A 277 -11.53 -19.26 -15.19
CA GLN A 277 -10.59 -18.34 -15.82
C GLN A 277 -9.30 -18.38 -15.03
N ALA A 278 -8.57 -19.49 -15.15
CA ALA A 278 -7.45 -19.75 -14.25
C ALA A 278 -6.30 -18.77 -14.46
N LYS A 279 -6.01 -18.41 -15.70
CA LYS A 279 -4.92 -17.46 -15.96
C LYS A 279 -5.24 -16.09 -15.35
N ASN A 280 -6.46 -15.61 -15.56
CA ASN A 280 -6.86 -14.33 -14.98
C ASN A 280 -6.85 -14.40 -13.46
N GLY A 281 -7.24 -15.55 -12.90
CA GLY A 281 -7.24 -15.71 -11.45
C GLY A 281 -5.85 -15.70 -10.86
N LYS A 282 -4.86 -16.23 -11.59
CA LYS A 282 -3.46 -16.10 -11.18
C LYS A 282 -3.02 -14.64 -11.17
N ILE A 283 -3.39 -13.89 -12.22
CA ILE A 283 -3.03 -12.48 -12.31
C ILE A 283 -3.60 -11.68 -11.15
N THR A 284 -4.86 -11.93 -10.80
CA THR A 284 -5.45 -11.12 -9.74
C THR A 284 -5.05 -11.61 -8.36
N LYS A 285 -4.67 -12.89 -8.22
CA LYS A 285 -4.07 -13.33 -6.96
C LYS A 285 -2.78 -12.57 -6.69
N GLU A 286 -1.94 -12.42 -7.72
CA GLU A 286 -0.70 -11.66 -7.52
C GLU A 286 -0.98 -10.20 -7.22
N LEU A 287 -2.03 -9.63 -7.82
CA LEU A 287 -2.40 -8.25 -7.50
C LEU A 287 -2.91 -8.13 -6.07
N LEU A 288 -3.62 -9.15 -5.59
CA LEU A 288 -4.10 -9.15 -4.21
C LEU A 288 -2.93 -9.23 -3.23
N GLU A 289 -1.93 -10.06 -3.53
CA GLU A 289 -0.75 -10.16 -2.69
C GLU A 289 0.03 -8.84 -2.66
N LYS A 290 0.01 -8.10 -3.77
CA LYS A 290 0.73 -6.84 -3.84
C LYS A 290 0.13 -5.78 -2.93
N MET A 291 -1.20 -5.77 -2.80
CA MET A 291 -1.83 -4.78 -1.93
C MET A 291 -1.35 -4.91 -0.51
N ASP A 292 -1.17 -3.76 0.15
CA ASP A 292 -0.64 -3.69 1.50
C ASP A 292 -1.81 -3.54 2.47
N THR A 293 -2.05 -4.58 3.27
CA THR A 293 -3.11 -4.52 4.28
C THR A 293 -2.54 -4.43 5.70
N SER A 294 -1.28 -4.00 5.85
CA SER A 294 -0.59 -4.14 7.14
C SER A 294 -0.73 -2.93 8.05
N ASN A 295 -1.29 -1.83 7.58
CA ASN A 295 -1.53 -0.66 8.42
C ASN A 295 -2.96 -0.70 8.90
N PRO A 296 -3.23 -1.02 10.18
CA PRO A 296 -4.63 -1.15 10.62
C PRO A 296 -5.32 0.17 10.85
N GLU A 297 -4.57 1.29 10.85
CA GLU A 297 -5.21 2.59 10.93
C GLU A 297 -5.82 3.01 9.61
N THR A 298 -5.26 2.56 8.48
CA THR A 298 -5.75 2.95 7.17
C THR A 298 -6.39 1.81 6.39
N THR A 299 -6.19 0.56 6.80
CA THR A 299 -6.78 -0.60 6.15
C THR A 299 -8.09 -0.95 6.84
N HIS A 300 -9.19 -0.71 6.15
CA HIS A 300 -10.50 -1.16 6.66
C HIS A 300 -10.45 -2.66 6.91
N PHE A 301 -11.06 -3.07 8.02
CA PHE A 301 -11.12 -4.50 8.31
C PHE A 301 -11.65 -5.30 7.12
N PHE A 302 -12.62 -4.74 6.38
CA PHE A 302 -13.17 -5.43 5.22
C PHE A 302 -12.08 -5.81 4.23
N ASP A 303 -11.13 -4.90 3.97
CA ASP A 303 -10.03 -5.21 3.07
C ASP A 303 -9.07 -6.21 3.70
N TYR A 304 -8.70 -5.98 4.96
CA TYR A 304 -7.76 -6.87 5.64
C TYR A 304 -8.28 -8.30 5.63
N ILE A 305 -9.54 -8.48 6.05
CA ILE A 305 -9.99 -9.84 6.31
C ILE A 305 -10.38 -10.55 5.01
N ASN A 306 -10.87 -9.83 4.00
CA ASN A 306 -11.16 -10.50 2.74
C ASN A 306 -9.88 -10.94 2.04
N LYS A 307 -8.77 -10.20 2.21
CA LYS A 307 -7.52 -10.70 1.71
C LYS A 307 -7.13 -12.00 2.42
N GLU A 308 -7.25 -12.03 3.76
CA GLU A 308 -6.87 -13.23 4.49
C GLU A 308 -7.75 -14.41 4.11
N ILE A 309 -9.07 -14.19 4.01
CA ILE A 309 -9.96 -15.29 3.63
C ILE A 309 -9.62 -15.82 2.25
N THR A 310 -9.45 -14.91 1.27
CA THR A 310 -9.27 -15.35 -0.10
C THR A 310 -7.93 -16.06 -0.29
N LEU A 311 -6.88 -15.63 0.40
CA LEU A 311 -5.61 -16.32 0.27
C LEU A 311 -5.60 -17.66 0.99
N LYS A 312 -6.54 -17.90 1.91
CA LYS A 312 -6.63 -19.20 2.55
C LYS A 312 -7.59 -20.15 1.85
N LYS A 313 -8.58 -19.64 1.12
CA LYS A 313 -9.54 -20.51 0.47
C LYS A 313 -8.88 -21.30 -0.65
N LYS A 314 -9.47 -22.44 -0.97
CA LYS A 314 -8.91 -23.33 -1.98
C LYS A 314 -9.48 -23.04 -3.37
N HIS A 321 -0.94 -29.18 -1.13
CA HIS A 321 -1.38 -30.49 -1.61
C HIS A 321 -0.82 -30.76 -3.00
N HIS A 322 -0.74 -29.71 -3.84
CA HIS A 322 -0.57 -29.91 -5.27
C HIS A 322 0.59 -29.11 -5.87
N HIS A 323 1.60 -28.71 -5.08
CA HIS A 323 2.71 -27.97 -5.67
C HIS A 323 3.62 -28.89 -6.48
N HIS A 324 3.93 -30.07 -5.95
CA HIS A 324 4.92 -30.96 -6.54
C HIS A 324 4.32 -31.82 -7.66
N HIS A 325 3.07 -32.23 -7.47
CA HIS A 325 2.26 -33.02 -8.40
C HIS A 325 0.85 -33.00 -7.83
N HIS A 326 -0.10 -33.44 -8.63
CA HIS A 326 -1.46 -33.38 -8.11
C HIS A 326 -1.69 -34.50 -7.09
N SER B 10 27.83 11.92 -29.48
CA SER B 10 27.19 12.52 -28.31
C SER B 10 26.42 11.48 -27.50
N ALA B 11 26.78 10.22 -27.66
CA ALA B 11 26.18 9.16 -26.86
C ALA B 11 27.21 8.05 -26.69
N PRO B 12 27.20 7.37 -25.55
CA PRO B 12 28.08 6.19 -25.40
C PRO B 12 27.70 5.12 -26.39
N LYS B 13 28.61 4.17 -26.56
CA LYS B 13 28.27 2.94 -27.26
C LYS B 13 27.05 2.32 -26.58
N GLU B 14 26.08 1.90 -27.38
CA GLU B 14 24.83 1.42 -26.78
C GLU B 14 25.08 0.08 -26.09
N THR B 15 24.74 0.01 -24.80
CA THR B 15 24.89 -1.20 -24.02
C THR B 15 23.54 -1.91 -23.92
N THR B 16 23.61 -3.19 -23.56
CA THR B 16 22.40 -4.00 -23.43
C THR B 16 21.94 -3.93 -21.99
N PRO B 17 20.77 -3.34 -21.71
CA PRO B 17 20.29 -3.30 -20.32
C PRO B 17 20.01 -4.71 -19.80
N THR B 18 20.26 -4.89 -18.50
CA THR B 18 19.89 -6.15 -17.85
C THR B 18 18.41 -6.25 -17.54
N SER B 19 17.68 -5.13 -17.61
CA SER B 19 16.25 -5.07 -17.34
C SER B 19 15.72 -3.81 -17.98
N THR B 20 14.49 -3.87 -18.52
CA THR B 20 13.85 -2.68 -19.06
C THR B 20 12.50 -2.36 -18.44
N SER B 21 12.01 -3.16 -17.50
CA SER B 21 10.63 -2.97 -17.02
C SER B 21 10.46 -1.64 -16.29
N VAL B 22 11.45 -1.22 -15.51
CA VAL B 22 11.33 0.04 -14.78
C VAL B 22 11.35 1.22 -15.74
N GLN B 23 12.24 1.19 -16.74
CA GLN B 23 12.26 2.23 -17.75
C GLN B 23 10.90 2.38 -18.41
N THR B 24 10.30 1.25 -18.81
CA THR B 24 8.99 1.30 -19.43
C THR B 24 7.96 1.87 -18.47
N TYR B 25 8.02 1.47 -17.19
CA TYR B 25 7.05 1.95 -16.20
C TYR B 25 7.19 3.46 -15.98
N VAL B 26 8.43 3.95 -15.91
CA VAL B 26 8.65 5.37 -15.69
C VAL B 26 8.19 6.19 -16.89
N LYS B 27 8.48 5.70 -18.10
CA LYS B 27 8.00 6.40 -19.30
C LYS B 27 6.49 6.47 -19.30
N GLU B 28 5.81 5.43 -18.81
CA GLU B 28 4.35 5.40 -18.87
C GLU B 28 3.71 6.20 -17.75
N ASN B 29 4.34 6.28 -16.58
CA ASN B 29 3.67 6.74 -15.39
C ASN B 29 4.28 7.97 -14.73
N TYR B 30 5.60 8.18 -14.84
CA TYR B 30 6.22 9.28 -14.10
C TYR B 30 6.87 10.31 -15.02
N THR B 31 6.54 10.31 -16.30
CA THR B 31 7.18 11.22 -17.25
C THR B 31 6.13 12.19 -17.77
N ALA B 32 6.38 13.48 -17.58
CA ALA B 32 5.51 14.51 -18.11
C ALA B 32 5.76 14.69 -19.61
N LYS B 33 4.89 15.45 -20.27
CA LYS B 33 5.09 15.57 -21.72
C LYS B 33 6.30 16.42 -22.07
N ASN B 34 6.87 17.17 -21.12
CA ASN B 34 8.16 17.81 -21.33
C ASN B 34 9.33 16.84 -21.18
N GLY B 35 9.06 15.54 -20.93
CA GLY B 35 10.12 14.57 -20.77
C GLY B 35 10.73 14.50 -19.38
N LEU B 36 10.26 15.30 -18.44
CA LEU B 36 10.87 15.33 -17.12
C LEU B 36 10.15 14.39 -16.17
N ILE B 37 10.89 13.88 -15.19
CA ILE B 37 10.36 12.93 -14.23
C ILE B 37 9.63 13.68 -13.12
N VAL B 38 8.36 13.31 -12.88
CA VAL B 38 7.50 14.01 -11.94
C VAL B 38 7.50 13.27 -10.61
N ASP B 39 7.11 13.97 -9.54
CA ASP B 39 7.07 13.34 -8.22
C ASP B 39 5.86 12.45 -8.05
N TYR B 40 4.69 12.87 -8.54
CA TYR B 40 3.47 12.09 -8.52
C TYR B 40 2.78 12.22 -9.87
N LYS B 41 2.29 11.11 -10.41
CA LYS B 41 1.49 11.15 -11.62
C LYS B 41 0.20 11.92 -11.38
N ASN B 42 -0.17 12.77 -12.35
CA ASN B 42 -1.43 13.53 -12.30
C ASN B 42 -1.51 14.42 -11.05
N ALA B 43 -0.38 14.92 -10.57
CA ALA B 43 -0.39 15.85 -9.46
C ALA B 43 -0.92 17.20 -9.93
N GLN B 44 -1.74 17.84 -9.09
CA GLN B 44 -2.23 19.15 -9.49
C GLN B 44 -1.13 20.20 -9.45
N GLU B 45 -0.13 20.01 -8.59
CA GLU B 45 1.07 20.86 -8.55
C GLU B 45 2.30 19.96 -8.67
N PRO B 46 2.66 19.59 -9.88
CA PRO B 46 3.80 18.68 -10.07
C PRO B 46 5.13 19.38 -9.82
N HIS B 47 6.11 18.60 -9.40
CA HIS B 47 7.47 19.08 -9.23
C HIS B 47 8.43 18.17 -9.97
N TYR B 48 9.35 18.77 -10.71
CA TYR B 48 10.35 18.06 -11.51
C TYR B 48 11.68 18.23 -10.79
N LEU B 49 12.00 17.25 -9.96
CA LEU B 49 13.08 17.37 -8.99
C LEU B 49 14.39 16.87 -9.55
N ALA B 50 15.47 17.58 -9.21
CA ALA B 50 16.81 17.05 -9.46
C ALA B 50 17.01 15.72 -8.74
N GLU B 51 16.36 15.56 -7.58
CA GLU B 51 16.40 14.30 -6.86
C GLU B 51 15.86 13.15 -7.71
N SER B 52 14.74 13.37 -8.40
CA SER B 52 14.11 12.30 -9.17
C SER B 52 14.97 11.87 -10.35
N ILE B 53 15.45 12.84 -11.14
CA ILE B 53 16.26 12.51 -12.30
C ILE B 53 17.58 11.88 -11.86
N GLY B 54 18.13 12.31 -10.72
CA GLY B 54 19.35 11.70 -10.23
C GLY B 54 19.16 10.26 -9.80
N LEU B 55 18.05 9.98 -9.11
CA LEU B 55 17.75 8.60 -8.74
C LEU B 55 17.51 7.74 -9.97
N TYR B 56 16.82 8.29 -10.97
CA TYR B 56 16.62 7.51 -12.19
C TYR B 56 17.94 7.23 -12.87
N MET B 57 18.80 8.24 -12.98
CA MET B 57 20.14 8.04 -13.53
C MET B 57 20.89 6.96 -12.75
N GLU B 58 20.84 7.03 -11.42
CA GLU B 58 21.46 6.01 -10.59
C GLU B 58 20.95 4.62 -10.95
N TYR B 59 19.64 4.48 -11.11
CA TYR B 59 19.06 3.18 -11.47
C TYR B 59 19.56 2.72 -12.84
N LEU B 60 19.63 3.64 -13.81
CA LEU B 60 19.98 3.27 -15.18
C LEU B 60 21.43 2.80 -15.30
N VAL B 61 22.35 3.35 -14.49
CA VAL B 61 23.69 2.79 -14.45
C VAL B 61 23.65 1.36 -13.91
N GLU B 62 22.85 1.13 -12.87
CA GLU B 62 22.81 -0.18 -12.25
C GLU B 62 22.33 -1.24 -13.23
N VAL B 63 21.41 -0.89 -14.13
CA VAL B 63 20.89 -1.87 -15.06
C VAL B 63 21.56 -1.77 -16.42
N ASN B 64 22.64 -1.00 -16.52
CA ASN B 64 23.51 -1.00 -17.70
C ASN B 64 22.80 -0.45 -18.94
N ASP B 65 22.05 0.63 -18.79
CA ASP B 65 21.25 1.18 -19.88
C ASP B 65 21.84 2.53 -20.32
N SER B 66 22.83 2.49 -21.21
CA SER B 66 23.49 3.71 -21.63
C SER B 66 22.58 4.61 -22.45
N LYS B 67 21.71 4.04 -23.29
CA LYS B 67 20.85 4.85 -24.13
C LYS B 67 19.89 5.69 -23.29
N THR B 68 19.18 5.06 -22.35
CA THR B 68 18.27 5.84 -21.50
C THR B 68 19.05 6.76 -20.56
N PHE B 69 20.23 6.33 -20.09
CA PHE B 69 21.04 7.22 -19.27
C PHE B 69 21.36 8.52 -20.01
N GLN B 70 21.79 8.41 -21.26
CA GLN B 70 22.13 9.60 -22.03
C GLN B 70 20.91 10.45 -22.32
N GLU B 71 19.75 9.82 -22.53
CA GLU B 71 18.52 10.62 -22.68
C GLU B 71 18.27 11.44 -21.43
N GLN B 72 18.54 10.87 -20.26
CA GLN B 72 18.37 11.60 -19.01
C GLN B 72 19.40 12.71 -18.87
N VAL B 73 20.65 12.47 -19.28
CA VAL B 73 21.68 13.51 -19.21
C VAL B 73 21.28 14.69 -20.07
N SER B 74 20.69 14.42 -21.24
N SER B 74 20.71 14.42 -21.25
CA SER B 74 20.25 15.50 -22.12
CA SER B 74 20.24 15.49 -22.13
C SER B 74 19.14 16.32 -21.48
C SER B 74 19.15 16.32 -21.46
N HIS B 75 18.18 15.67 -20.81
CA HIS B 75 17.17 16.42 -20.06
C HIS B 75 17.80 17.21 -18.92
N LEU B 76 18.79 16.61 -18.25
CA LEU B 76 19.48 17.30 -17.17
C LEU B 76 20.14 18.59 -17.67
N GLU B 77 20.88 18.49 -18.78
CA GLU B 77 21.57 19.66 -19.30
C GLU B 77 20.58 20.73 -19.75
N LYS B 78 19.49 20.32 -20.38
CA LYS B 78 18.53 21.28 -20.92
C LYS B 78 17.74 21.99 -19.83
N ASN B 79 17.40 21.30 -18.74
CA ASN B 79 16.43 21.84 -17.81
C ASN B 79 16.96 22.13 -16.41
N PHE B 80 18.08 21.54 -16.01
CA PHE B 80 18.55 21.65 -14.64
C PHE B 80 19.89 22.35 -14.50
N ILE B 81 20.84 22.12 -15.41
CA ILE B 81 22.19 22.62 -15.25
C ILE B 81 22.30 24.01 -15.84
N THR B 82 22.78 24.96 -15.04
CA THR B 82 22.99 26.32 -15.49
C THR B 82 24.22 26.42 -16.37
N GLU B 83 24.40 27.58 -17.01
CA GLU B 83 25.56 27.73 -17.89
C GLU B 83 26.87 27.69 -17.11
N ASP B 84 26.85 28.01 -15.81
CA ASP B 84 28.05 27.91 -14.98
C ASP B 84 28.06 26.65 -14.11
N ASN B 85 27.33 25.61 -14.52
CA ASN B 85 27.49 24.25 -14.00
C ASN B 85 26.98 24.11 -12.56
N PHE B 86 25.84 24.75 -12.28
CA PHE B 86 25.08 24.49 -11.07
C PHE B 86 23.83 23.73 -11.46
N ILE B 87 23.34 22.88 -10.55
CA ILE B 87 22.13 22.09 -10.80
C ILE B 87 21.00 22.68 -9.98
N LYS B 88 19.99 23.21 -10.67
CA LYS B 88 18.75 23.62 -10.01
C LYS B 88 18.12 22.42 -9.28
N TRP B 89 17.66 22.64 -8.06
CA TRP B 89 17.10 21.52 -7.30
C TRP B 89 15.74 21.08 -7.85
N GLU B 90 15.04 21.96 -8.56
CA GLU B 90 13.89 21.57 -9.37
C GLU B 90 13.87 22.43 -10.64
N ALA B 91 13.25 21.91 -11.69
CA ALA B 91 13.32 22.58 -13.00
C ALA B 91 12.20 23.60 -13.15
N THR B 92 12.43 24.78 -12.58
CA THR B 92 11.58 25.95 -12.82
C THR B 92 12.42 27.16 -13.15
N ASP B 93 11.80 28.11 -13.84
CA ASP B 93 12.50 29.33 -14.21
C ASP B 93 12.88 30.19 -13.00
N ALA B 94 12.19 30.05 -11.89
CA ALA B 94 12.46 30.85 -10.69
C ALA B 94 13.42 30.17 -9.72
N THR B 95 13.90 28.97 -10.03
CA THR B 95 14.76 28.24 -9.09
C THR B 95 16.19 28.76 -9.19
N THR B 96 16.71 29.21 -8.05
CA THR B 96 18.03 29.85 -8.02
C THR B 96 19.00 29.13 -7.10
N THR B 97 18.64 27.94 -6.62
CA THR B 97 19.46 27.22 -5.68
C THR B 97 19.61 25.77 -6.12
N ASN B 98 20.71 25.16 -5.69
CA ASN B 98 20.90 23.72 -5.77
C ASN B 98 20.42 23.05 -4.48
N ALA B 99 20.76 21.78 -4.34
CA ALA B 99 20.73 21.08 -3.05
C ALA B 99 21.87 20.06 -3.11
N ILE B 100 22.81 20.13 -2.16
CA ILE B 100 24.05 19.38 -2.33
C ILE B 100 23.77 17.88 -2.38
N VAL B 101 22.71 17.43 -1.70
CA VAL B 101 22.41 16.00 -1.72
C VAL B 101 22.09 15.54 -3.14
N ASP B 102 21.44 16.40 -3.93
CA ASP B 102 21.11 16.04 -5.30
C ASP B 102 22.29 16.22 -6.24
N ASP B 103 23.15 17.21 -5.97
CA ASP B 103 24.45 17.31 -6.65
C ASP B 103 25.26 16.03 -6.46
N PHE B 104 25.40 15.58 -5.20
CA PHE B 104 26.19 14.40 -4.88
C PHE B 104 25.67 13.18 -5.63
N ARG B 105 24.35 13.01 -5.65
CA ARG B 105 23.78 11.83 -6.28
C ARG B 105 24.03 11.82 -7.79
N ILE B 106 23.90 12.99 -8.44
CA ILE B 106 24.07 13.08 -9.89
C ILE B 106 25.53 12.91 -10.28
N THR B 107 26.45 13.54 -9.53
CA THR B 107 27.86 13.40 -9.88
C THR B 107 28.33 11.97 -9.66
N GLU B 108 27.87 11.35 -8.57
CA GLU B 108 28.18 9.93 -8.37
C GLU B 108 27.69 9.09 -9.53
N ALA B 109 26.46 9.33 -9.99
CA ALA B 109 25.95 8.54 -11.10
C ALA B 109 26.76 8.80 -12.36
N LEU B 110 27.14 10.06 -12.59
CA LEU B 110 27.95 10.40 -13.76
C LEU B 110 29.32 9.75 -13.70
N TYR B 111 29.97 9.77 -12.53
CA TYR B 111 31.26 9.11 -12.44
C TYR B 111 31.13 7.62 -12.72
N GLN B 112 30.08 6.98 -12.16
CA GLN B 112 29.91 5.54 -12.37
C GLN B 112 29.56 5.26 -13.81
N ALA B 113 28.73 6.10 -14.42
CA ALA B 113 28.39 5.88 -15.82
C ALA B 113 29.59 6.08 -16.73
N SER B 114 30.50 7.00 -16.37
CA SER B 114 31.66 7.25 -17.22
C SER B 114 32.53 5.99 -17.31
N GLU B 115 32.61 5.23 -16.22
CA GLU B 115 33.34 3.98 -16.21
C GLU B 115 32.53 2.87 -16.87
N LYS B 116 31.26 2.70 -16.46
CA LYS B 116 30.48 1.58 -16.97
C LYS B 116 30.20 1.70 -18.46
N PHE B 117 30.10 2.92 -18.98
CA PHE B 117 29.76 3.14 -20.38
C PHE B 117 30.93 3.65 -21.21
N SER B 118 32.13 3.70 -20.63
CA SER B 118 33.36 4.08 -21.35
C SER B 118 33.18 5.41 -22.07
N PHE B 119 32.81 6.42 -21.30
CA PHE B 119 32.39 7.71 -21.85
C PHE B 119 33.00 8.82 -20.99
N PRO B 120 34.22 9.25 -21.34
CA PRO B 120 34.94 10.22 -20.48
C PRO B 120 34.21 11.53 -20.19
N SER B 121 33.39 12.03 -21.12
CA SER B 121 32.77 13.33 -20.87
C SER B 121 31.84 13.30 -19.66
N TYR B 122 31.30 12.14 -19.29
CA TYR B 122 30.49 12.08 -18.06
C TYR B 122 31.35 12.41 -16.84
N LYS B 123 32.62 12.00 -16.87
CA LYS B 123 33.51 12.24 -15.75
C LYS B 123 33.86 13.71 -15.66
N LYS B 124 34.12 14.34 -16.82
CA LYS B 124 34.45 15.76 -16.87
C LYS B 124 33.24 16.61 -16.47
N MET B 125 32.05 16.21 -16.91
CA MET B 125 30.84 16.91 -16.48
C MET B 125 30.69 16.86 -14.97
N ALA B 126 30.87 15.67 -14.39
CA ALA B 126 30.79 15.52 -12.93
C ALA B 126 31.84 16.37 -12.22
N ASP B 127 33.07 16.39 -12.74
CA ASP B 127 34.12 17.23 -12.18
C ASP B 127 33.67 18.68 -12.05
N LYS B 128 33.08 19.23 -13.12
CA LYS B 128 32.71 20.65 -13.10
C LYS B 128 31.62 20.90 -12.07
N ILE B 129 30.61 20.03 -12.03
CA ILE B 129 29.51 20.20 -11.10
C ILE B 129 30.01 20.08 -9.67
N LEU B 130 30.74 18.99 -9.39
CA LEU B 130 31.14 18.69 -8.01
C LEU B 130 32.16 19.68 -7.48
N ALA B 131 33.03 20.22 -8.35
CA ALA B 131 33.94 21.28 -7.93
C ALA B 131 33.17 22.52 -7.48
N ASN B 132 32.10 22.88 -8.20
CA ASN B 132 31.27 24.01 -7.78
C ASN B 132 30.54 23.70 -6.48
N THR B 133 30.04 22.48 -6.32
CA THR B 133 29.42 22.12 -5.05
C THR B 133 30.40 22.29 -3.89
N LYS B 134 31.61 21.76 -4.04
CA LYS B 134 32.60 21.83 -2.96
C LYS B 134 33.00 23.27 -2.67
N LYS B 135 33.13 24.11 -3.71
CA LYS B 135 33.63 25.47 -3.52
C LYS B 135 32.56 26.39 -2.95
N TYR B 136 31.35 26.37 -3.52
CA TYR B 136 30.36 27.40 -3.20
C TYR B 136 29.33 26.98 -2.16
N SER B 137 28.96 25.71 -2.07
CA SER B 137 27.96 25.29 -1.07
C SER B 137 28.66 24.86 0.21
N ALA B 138 29.49 25.75 0.74
CA ALA B 138 30.33 25.42 1.88
C ALA B 138 30.72 26.70 2.58
N GLU B 139 31.02 26.57 3.88
CA GLU B 139 31.50 27.67 4.71
C GLU B 139 32.79 27.19 5.37
N GLN B 140 33.90 27.82 5.00
CA GLN B 140 35.23 27.47 5.50
C GLN B 140 35.52 25.98 5.32
N GLY B 141 35.10 25.43 4.19
CA GLY B 141 35.37 24.05 3.86
C GLY B 141 34.37 23.04 4.39
N VAL B 142 33.37 23.47 5.14
CA VAL B 142 32.33 22.58 5.67
C VAL B 142 31.05 22.79 4.86
N PRO B 143 30.46 21.73 4.31
CA PRO B 143 29.31 21.93 3.44
C PRO B 143 28.13 22.57 4.16
N VAL B 144 27.34 23.32 3.39
CA VAL B 144 26.02 23.76 3.78
C VAL B 144 25.04 23.24 2.71
N ASP B 145 23.74 23.40 2.99
CA ASP B 145 22.73 22.69 2.21
C ASP B 145 22.72 23.12 0.75
N PHE B 146 22.95 24.40 0.48
CA PHE B 146 22.78 24.89 -0.87
C PHE B 146 23.56 26.17 -1.06
N TYR B 147 23.67 26.56 -2.33
CA TYR B 147 24.20 27.84 -2.74
C TYR B 147 23.20 28.48 -3.68
N ASP B 148 22.84 29.74 -3.42
CA ASP B 148 22.04 30.48 -4.38
C ASP B 148 22.99 31.05 -5.44
N PHE B 149 22.96 30.46 -6.63
CA PHE B 149 23.91 30.81 -7.67
C PHE B 149 23.53 32.08 -8.44
N VAL B 150 22.34 32.62 -8.21
CA VAL B 150 22.00 33.95 -8.75
C VAL B 150 22.42 35.05 -7.79
N HIS B 151 22.04 34.92 -6.53
CA HIS B 151 22.36 35.92 -5.52
C HIS B 151 23.72 35.71 -4.87
N LYS B 152 24.43 34.64 -5.22
CA LYS B 152 25.77 34.37 -4.71
C LYS B 152 25.79 34.38 -3.18
N LYS B 153 24.93 33.55 -2.61
CA LYS B 153 24.64 33.53 -1.18
C LYS B 153 24.53 32.08 -0.74
N LYS B 154 25.23 31.73 0.34
CA LYS B 154 25.25 30.38 0.88
C LYS B 154 24.13 30.15 1.88
N ALA B 155 23.71 28.89 1.98
CA ALA B 155 22.85 28.49 3.08
C ALA B 155 23.59 28.67 4.41
N ASP B 156 22.84 28.81 5.49
CA ASP B 156 23.47 28.90 6.81
C ASP B 156 23.15 27.69 7.67
N THR B 157 22.70 26.61 7.07
CA THR B 157 22.43 25.37 7.77
C THR B 157 23.02 24.21 6.99
N LEU B 158 23.34 23.14 7.72
CA LEU B 158 23.66 21.86 7.11
C LEU B 158 22.72 20.81 7.70
N HIS B 159 21.89 20.22 6.86
CA HIS B 159 21.11 19.06 7.26
C HIS B 159 21.95 17.81 7.02
N LEU B 160 22.18 17.04 8.08
CA LEU B 160 23.10 15.91 7.98
C LEU B 160 22.62 14.85 7.00
N SER B 161 21.31 14.79 6.75
CA SER B 161 20.80 13.86 5.75
C SER B 161 21.20 14.23 4.33
N TYR B 162 21.81 15.38 4.13
CA TYR B 162 22.28 15.76 2.80
C TYR B 162 23.67 15.23 2.49
N LEU B 163 24.36 14.66 3.47
CA LEU B 163 25.74 14.25 3.25
C LEU B 163 25.78 12.95 2.44
N ASN B 164 26.72 12.89 1.52
CA ASN B 164 27.01 11.70 0.73
C ASN B 164 28.50 11.48 0.89
N ILE B 165 28.90 10.57 1.79
CA ILE B 165 30.31 10.49 2.18
C ILE B 165 31.18 10.08 1.01
N GLN B 166 30.72 9.12 0.21
CA GLN B 166 31.51 8.70 -0.95
C GLN B 166 31.66 9.84 -1.95
N ALA B 167 30.61 10.63 -2.18
CA ALA B 167 30.75 11.77 -3.08
C ALA B 167 31.73 12.80 -2.54
N MET B 168 31.70 13.04 -1.23
CA MET B 168 32.59 14.04 -0.65
C MET B 168 34.03 13.58 -0.73
N GLN B 169 34.27 12.30 -0.48
CA GLN B 169 35.61 11.76 -0.63
C GLN B 169 36.09 11.84 -2.08
N GLN B 170 35.17 11.74 -3.05
CA GLN B 170 35.53 11.79 -4.46
C GLN B 170 36.22 13.11 -4.82
N ILE B 171 35.78 14.20 -4.21
CA ILE B 171 36.31 15.53 -4.52
C ILE B 171 37.19 16.05 -3.38
N ASN B 172 37.56 15.18 -2.44
CA ASN B 172 38.61 15.49 -1.47
C ASN B 172 38.25 16.69 -0.59
N TYR B 173 37.06 16.66 0.00
CA TYR B 173 36.78 17.63 1.05
C TYR B 173 37.85 17.52 2.14
N ARG B 174 38.15 18.66 2.75
CA ARG B 174 39.12 18.68 3.84
C ARG B 174 38.56 17.94 5.05
N ASP B 175 39.48 17.50 5.94
CA ASP B 175 39.07 16.74 7.12
C ASP B 175 38.01 17.46 7.93
N LYS B 176 38.11 18.79 8.04
CA LYS B 176 37.17 19.55 8.87
C LYS B 176 35.74 19.47 8.33
N ALA B 177 35.57 19.17 7.04
CA ALA B 177 34.23 19.07 6.46
C ALA B 177 33.41 18.00 7.13
N TYR B 178 34.07 17.00 7.72
CA TYR B 178 33.40 15.85 8.30
C TYR B 178 33.19 15.96 9.80
N LEU B 179 33.61 17.06 10.44
CA LEU B 179 33.39 17.18 11.87
C LEU B 179 31.92 17.03 12.26
N PRO B 180 30.95 17.60 11.54
CA PRO B 180 29.54 17.43 11.95
C PRO B 180 29.13 15.96 12.06
N ILE B 181 29.41 15.14 11.04
CA ILE B 181 28.99 13.74 11.12
C ILE B 181 29.88 12.95 12.07
N GLN B 182 31.09 13.42 12.37
CA GLN B 182 31.91 12.75 13.36
C GLN B 182 31.45 13.00 14.79
N THR B 183 30.75 14.11 15.06
CA THR B 183 30.46 14.53 16.43
C THR B 183 28.98 14.54 16.77
N VAL B 184 28.10 14.35 15.78
CA VAL B 184 26.68 14.28 16.04
C VAL B 184 26.36 13.11 16.97
N ASN B 185 25.34 13.30 17.81
CA ASN B 185 24.84 12.29 18.72
C ASN B 185 23.42 11.92 18.37
N ALA B 186 23.05 10.68 18.72
CA ALA B 186 21.67 10.21 18.68
C ALA B 186 21.24 9.81 20.09
N ASP B 187 20.01 10.17 20.48
CA ASP B 187 19.60 9.90 21.86
C ASP B 187 18.10 9.68 22.01
N PRO B 188 17.48 8.74 21.28
CA PRO B 188 18.07 7.80 20.32
C PRO B 188 18.03 8.30 18.88
N PHE B 189 17.49 9.49 18.65
CA PHE B 189 17.43 10.08 17.32
C PHE B 189 18.54 11.12 17.14
N PHE B 190 18.99 11.25 15.89
CA PHE B 190 20.01 12.22 15.55
C PHE B 190 19.44 13.64 15.55
N THR B 191 20.24 14.59 16.04
CA THR B 191 19.98 15.99 15.72
C THR B 191 20.29 16.22 14.25
N GLU B 192 19.29 16.57 13.45
CA GLU B 192 19.48 16.59 12.01
C GLU B 192 20.23 17.80 11.51
N VAL B 193 20.28 18.90 12.26
CA VAL B 193 20.73 20.19 11.74
C VAL B 193 22.02 20.60 12.43
N PHE B 194 23.00 21.01 11.64
CA PHE B 194 24.23 21.61 12.13
C PHE B 194 24.24 23.07 11.71
N GLN B 195 24.31 23.98 12.69
CA GLN B 195 24.23 25.41 12.40
C GLN B 195 24.99 26.16 13.48
N ASN B 196 25.83 27.10 13.06
CA ASN B 196 26.69 27.87 13.97
C ASN B 196 27.44 26.97 14.94
N GLU B 197 28.05 25.92 14.38
CA GLU B 197 28.90 24.97 15.09
C GLU B 197 28.17 24.17 16.16
N GLN B 198 26.83 24.20 16.16
CA GLN B 198 26.04 23.46 17.13
C GLN B 198 25.00 22.63 16.41
N PHE B 199 24.41 21.69 17.15
CA PHE B 199 23.43 20.76 16.62
C PHE B 199 22.03 21.10 17.13
N GLN B 200 21.05 21.00 16.24
CA GLN B 200 19.65 21.24 16.57
C GLN B 200 18.80 20.15 15.92
N TYR B 201 17.64 19.89 16.51
CA TYR B 201 16.67 19.03 15.87
C TYR B 201 15.93 19.80 14.77
N ALA B 202 15.53 19.07 13.72
CA ALA B 202 14.85 19.67 12.58
C ALA B 202 13.44 20.14 12.95
N ASP B 203 12.79 19.47 13.90
CA ASP B 203 11.43 19.75 14.32
C ASP B 203 11.33 19.62 15.83
N PRO B 204 10.53 20.47 16.49
CA PRO B 204 10.44 20.38 17.95
C PRO B 204 9.77 19.13 18.47
N SER B 205 9.05 18.37 17.63
CA SER B 205 8.27 17.24 18.12
C SER B 205 8.57 15.92 17.43
N GLU B 206 8.92 15.93 16.14
CA GLU B 206 8.89 14.72 15.33
C GLU B 206 10.21 14.55 14.59
N VAL B 207 10.60 13.29 14.37
CA VAL B 207 11.68 12.95 13.46
C VAL B 207 11.10 12.20 12.27
N ASN B 208 11.66 12.48 11.09
CA ASN B 208 11.33 11.80 9.85
C ASN B 208 12.37 10.70 9.64
N MET B 209 11.91 9.45 9.60
CA MET B 209 12.87 8.36 9.63
C MET B 209 13.63 8.21 8.31
N ILE B 210 13.15 8.79 7.21
CA ILE B 210 13.99 8.84 6.00
C ILE B 210 15.25 9.63 6.29
N ASP B 211 15.07 10.82 6.86
CA ASP B 211 16.24 11.65 7.15
C ASP B 211 17.10 11.00 8.22
N GLN B 212 16.49 10.36 9.22
CA GLN B 212 17.27 9.67 10.24
C GLN B 212 18.11 8.56 9.62
N MET B 213 17.51 7.76 8.73
CA MET B 213 18.24 6.66 8.10
C MET B 213 19.41 7.18 7.28
N LEU B 214 19.22 8.29 6.56
CA LEU B 214 20.30 8.82 5.75
C LEU B 214 21.45 9.33 6.63
N ILE B 215 21.12 9.94 7.77
CA ILE B 215 22.16 10.32 8.71
C ILE B 215 22.88 9.09 9.24
N ALA B 216 22.13 8.03 9.57
CA ALA B 216 22.75 6.82 10.14
C ALA B 216 23.71 6.18 9.16
N MET B 217 23.37 6.20 7.87
CA MET B 217 24.26 5.62 6.87
C MET B 217 25.49 6.50 6.65
N ALA B 218 25.32 7.82 6.65
CA ALA B 218 26.49 8.70 6.52
C ALA B 218 27.41 8.57 7.74
N TYR B 219 26.81 8.42 8.92
CA TYR B 219 27.58 8.22 10.14
C TYR B 219 28.42 6.95 10.04
N PHE B 220 27.81 5.84 9.61
CA PHE B 220 28.58 4.62 9.44
C PHE B 220 29.66 4.77 8.38
N ASP B 221 29.31 5.41 7.26
CA ASP B 221 30.28 5.55 6.17
C ASP B 221 31.51 6.33 6.59
N GLU B 222 31.33 7.38 7.41
CA GLU B 222 32.47 8.19 7.80
C GLU B 222 33.20 7.62 9.01
N ASN B 223 32.46 7.10 10.00
CA ASN B 223 33.03 6.76 11.30
C ASN B 223 33.38 5.30 11.46
N GLY B 224 32.86 4.42 10.61
CA GLY B 224 33.25 3.02 10.61
C GLY B 224 32.46 2.13 11.54
N ASP B 225 31.64 2.70 12.42
CA ASP B 225 30.71 1.95 13.25
C ASP B 225 29.41 2.72 13.33
N VAL B 226 28.31 2.00 13.56
CA VAL B 226 27.01 2.65 13.64
C VAL B 226 26.91 3.42 14.96
N GLU B 227 26.18 4.52 14.92
CA GLU B 227 25.85 5.19 16.16
C GLU B 227 24.99 4.23 16.99
N PRO B 228 25.43 3.83 18.18
CA PRO B 228 24.77 2.69 18.86
C PRO B 228 23.42 3.00 19.46
N ASN B 229 23.11 4.27 19.74
CA ASN B 229 21.82 4.60 20.33
C ASN B 229 20.72 4.54 19.29
N PHE B 230 20.98 5.08 18.10
CA PHE B 230 20.01 4.93 17.02
C PHE B 230 19.91 3.48 16.59
N ASP B 231 21.05 2.78 16.49
CA ASP B 231 21.01 1.37 16.10
C ASP B 231 20.17 0.55 17.07
N ASN B 232 20.31 0.77 18.37
CA ASN B 232 19.52 -0.01 19.32
C ASN B 232 18.04 0.30 19.18
N PHE B 233 17.69 1.57 18.95
CA PHE B 233 16.29 1.90 18.73
C PHE B 233 15.74 1.11 17.55
N LEU B 234 16.49 1.05 16.46
CA LEU B 234 16.06 0.28 15.29
C LEU B 234 15.89 -1.20 15.64
N GLN B 235 16.86 -1.76 16.36
CA GLN B 235 16.78 -3.19 16.67
C GLN B 235 15.61 -3.48 17.61
N THR B 236 15.37 -2.61 18.60
CA THR B 236 14.26 -2.87 19.52
C THR B 236 12.91 -2.64 18.86
N GLU B 237 12.80 -1.67 17.96
CA GLU B 237 11.55 -1.49 17.22
C GLU B 237 11.23 -2.71 16.38
N LEU B 238 12.20 -3.17 15.58
CA LEU B 238 11.97 -4.35 14.77
C LEU B 238 11.65 -5.56 15.62
N ALA B 239 12.36 -5.73 16.74
CA ALA B 239 12.14 -6.94 17.55
C ALA B 239 10.76 -6.95 18.18
N SER B 240 10.28 -5.80 18.65
CA SER B 240 9.02 -5.75 19.38
C SER B 240 7.79 -5.56 18.50
N LYS B 241 7.94 -4.92 17.33
CA LYS B 241 6.81 -4.60 16.47
C LYS B 241 6.89 -5.25 15.10
N GLY B 242 8.06 -5.74 14.69
CA GLY B 242 8.22 -6.25 13.34
C GLY B 242 8.06 -5.20 12.28
N LYS B 243 8.18 -3.93 12.66
CA LYS B 243 8.08 -2.78 11.77
C LYS B 243 8.97 -1.67 12.30
N VAL B 244 9.30 -0.73 11.41
CA VAL B 244 9.81 0.57 11.80
C VAL B 244 8.95 1.60 11.09
N TYR B 245 8.46 2.58 11.84
CA TYR B 245 7.46 3.49 11.31
C TYR B 245 8.13 4.69 10.64
N ALA B 246 7.31 5.42 9.86
CA ALA B 246 7.84 6.50 9.04
C ALA B 246 8.28 7.70 9.88
N ARG B 247 7.56 8.01 10.95
CA ARG B 247 7.83 9.21 11.74
C ARG B 247 7.61 8.91 13.21
N TYR B 248 8.48 9.45 14.08
CA TYR B 248 8.36 9.23 15.51
C TYR B 248 8.28 10.56 16.26
N GLN B 249 7.56 10.53 17.37
CA GLN B 249 7.58 11.65 18.30
C GLN B 249 8.83 11.55 19.17
N ARG B 250 9.61 12.63 19.20
CA ARG B 250 10.88 12.58 19.91
C ARG B 250 10.69 12.41 21.41
N GLU B 251 9.67 13.07 21.96
CA GLU B 251 9.49 13.10 23.41
C GLU B 251 9.14 11.72 23.95
N THR B 252 8.23 11.01 23.29
CA THR B 252 7.76 9.70 23.75
C THR B 252 8.40 8.53 23.03
N LYS B 253 9.06 8.78 21.88
CA LYS B 253 9.58 7.74 20.99
C LYS B 253 8.48 6.77 20.55
N LYS B 254 7.27 7.24 20.55
CA LYS B 254 6.20 6.50 19.94
C LYS B 254 5.98 7.00 18.51
N PRO B 255 5.46 6.14 17.63
CA PRO B 255 5.20 6.58 16.25
C PRO B 255 4.18 7.70 16.18
N SER B 256 4.39 8.64 15.25
CA SER B 256 3.42 9.71 15.07
C SER B 256 2.11 9.16 14.58
N SER B 257 2.18 8.10 13.79
CA SER B 257 1.05 7.34 13.33
C SER B 257 1.61 5.97 12.94
N GLU B 258 0.73 5.04 12.59
CA GLU B 258 1.24 3.73 12.17
C GLU B 258 1.62 3.69 10.69
N ASN B 259 1.72 4.85 10.04
CA ASN B 259 2.20 4.89 8.67
C ASN B 259 3.62 4.34 8.55
N GLU B 260 3.82 3.48 7.57
CA GLU B 260 5.15 3.02 7.23
C GLU B 260 5.61 3.73 5.98
N SER B 261 6.92 3.69 5.73
CA SER B 261 7.53 4.36 4.59
C SER B 261 8.33 3.36 3.76
N THR B 262 8.08 3.36 2.46
CA THR B 262 8.85 2.52 1.55
C THR B 262 10.33 2.89 1.59
N ALA B 263 10.66 4.17 1.42
CA ALA B 263 12.06 4.58 1.45
C ALA B 263 12.73 4.22 2.78
N VAL B 264 12.01 4.30 3.90
CA VAL B 264 12.61 3.90 5.17
C VAL B 264 13.04 2.45 5.13
N TYR B 265 12.18 1.56 4.61
CA TYR B 265 12.57 0.16 4.51
C TYR B 265 13.68 -0.07 3.49
N ALA B 266 13.69 0.69 2.39
CA ALA B 266 14.81 0.58 1.44
C ALA B 266 16.12 0.94 2.12
N PHE B 267 16.13 2.03 2.89
CA PHE B 267 17.37 2.46 3.52
C PHE B 267 17.75 1.57 4.69
N LEU B 268 16.76 1.07 5.45
CA LEU B 268 17.05 0.09 6.49
C LEU B 268 17.69 -1.16 5.92
N THR B 269 17.19 -1.62 4.78
CA THR B 269 17.75 -2.79 4.13
C THR B 269 19.21 -2.53 3.74
N GLN B 270 19.48 -1.37 3.16
CA GLN B 270 20.87 -1.02 2.83
C GLN B 270 21.72 -0.94 4.10
N TYR B 271 21.19 -0.28 5.13
CA TYR B 271 21.95 -0.06 6.36
C TYR B 271 22.27 -1.38 7.05
N PHE B 272 21.25 -2.22 7.26
CA PHE B 272 21.49 -3.49 7.94
C PHE B 272 22.48 -4.35 7.16
N ASN B 273 22.38 -4.38 5.84
CA ASN B 273 23.26 -5.22 5.06
C ASN B 273 24.70 -4.69 5.05
N LYS B 274 24.89 -3.38 5.23
CA LYS B 274 26.25 -2.82 5.27
C LYS B 274 26.89 -2.89 6.65
N THR B 275 26.11 -3.11 7.71
CA THR B 275 26.61 -2.98 9.08
C THR B 275 26.58 -4.31 9.82
N ASN B 276 26.70 -5.40 9.07
CA ASN B 276 26.82 -6.73 9.64
C ASN B 276 25.57 -7.10 10.44
N GLN B 277 24.40 -6.82 9.85
CA GLN B 277 23.11 -7.17 10.45
C GLN B 277 22.25 -7.85 9.38
N ALA B 278 22.78 -8.94 8.83
CA ALA B 278 22.17 -9.58 7.68
C ALA B 278 20.77 -10.10 8.00
N LYS B 279 20.57 -10.63 9.22
CA LYS B 279 19.25 -11.14 9.59
C LYS B 279 18.21 -10.02 9.60
N ASN B 280 18.55 -8.87 10.17
CA ASN B 280 17.64 -7.74 10.15
C ASN B 280 17.43 -7.22 8.74
N GLY B 281 18.46 -7.25 7.90
CA GLY B 281 18.27 -6.83 6.52
C GLY B 281 17.31 -7.73 5.75
N LYS B 282 17.26 -9.02 6.10
CA LYS B 282 16.30 -9.89 5.45
C LYS B 282 14.89 -9.52 5.85
N ILE B 283 14.69 -9.18 7.14
CA ILE B 283 13.38 -8.78 7.64
C ILE B 283 12.92 -7.50 6.95
N THR B 284 13.80 -6.49 6.88
CA THR B 284 13.38 -5.25 6.26
C THR B 284 13.26 -5.36 4.75
N LYS B 285 13.96 -6.32 4.12
CA LYS B 285 13.74 -6.55 2.69
C LYS B 285 12.33 -7.06 2.44
N GLU B 286 11.86 -7.96 3.29
CA GLU B 286 10.51 -8.46 3.13
C GLU B 286 9.49 -7.35 3.43
N LEU B 287 9.79 -6.48 4.40
CA LEU B 287 8.92 -5.34 4.64
C LEU B 287 8.91 -4.40 3.44
N LEU B 288 10.08 -4.19 2.81
CA LEU B 288 10.13 -3.38 1.59
C LEU B 288 9.28 -4.01 0.49
N GLU B 289 9.33 -5.33 0.36
CA GLU B 289 8.56 -5.99 -0.69
C GLU B 289 7.06 -5.91 -0.41
N LYS B 290 6.68 -5.86 0.88
CA LYS B 290 5.29 -5.71 1.27
C LYS B 290 4.72 -4.36 0.86
N MET B 291 5.50 -3.30 0.96
CA MET B 291 5.01 -1.96 0.66
C MET B 291 4.59 -1.87 -0.79
N ASP B 292 3.46 -1.21 -1.03
CA ASP B 292 2.85 -1.13 -2.35
C ASP B 292 3.27 0.18 -3.02
N THR B 293 4.10 0.09 -4.06
CA THR B 293 4.53 1.25 -4.82
C THR B 293 3.90 1.31 -6.21
N SER B 294 2.76 0.62 -6.42
CA SER B 294 2.23 0.42 -7.76
C SER B 294 1.25 1.49 -8.20
N ASN B 295 0.84 2.38 -7.30
CA ASN B 295 -0.06 3.47 -7.64
C ASN B 295 0.78 4.72 -7.86
N PRO B 296 0.95 5.19 -9.10
CA PRO B 296 1.85 6.34 -9.33
C PRO B 296 1.24 7.66 -8.96
N GLU B 297 -0.07 7.72 -8.72
CA GLU B 297 -0.69 8.95 -8.25
C GLU B 297 -0.42 9.20 -6.77
N THR B 298 -0.28 8.15 -5.96
CA THR B 298 -0.03 8.32 -4.54
C THR B 298 1.38 7.93 -4.09
N THR B 299 2.15 7.23 -4.92
CA THR B 299 3.50 6.83 -4.60
C THR B 299 4.47 7.87 -5.14
N HIS B 300 5.10 8.62 -4.25
CA HIS B 300 6.16 9.54 -4.66
C HIS B 300 7.22 8.78 -5.45
N PHE B 301 7.74 9.40 -6.51
CA PHE B 301 8.82 8.78 -7.26
C PHE B 301 9.96 8.34 -6.35
N PHE B 302 10.23 9.13 -5.30
CA PHE B 302 11.30 8.79 -4.37
C PHE B 302 11.09 7.42 -3.74
N ASP B 303 9.84 7.10 -3.37
CA ASP B 303 9.55 5.79 -2.79
C ASP B 303 9.63 4.70 -3.86
N TYR B 304 9.03 4.96 -5.03
CA TYR B 304 9.06 3.96 -6.10
C TYR B 304 10.48 3.59 -6.48
N ILE B 305 11.31 4.60 -6.77
CA ILE B 305 12.59 4.32 -7.39
C ILE B 305 13.61 3.79 -6.37
N ASN B 306 13.49 4.21 -5.10
CA ASN B 306 14.41 3.68 -4.10
C ASN B 306 14.11 2.21 -3.82
N LYS B 307 12.84 1.82 -3.89
CA LYS B 307 12.53 0.39 -3.76
C LYS B 307 13.16 -0.38 -4.92
N GLU B 308 13.04 0.14 -6.14
CA GLU B 308 13.56 -0.57 -7.30
C GLU B 308 15.07 -0.66 -7.25
N ILE B 309 15.75 0.44 -6.89
CA ILE B 309 17.20 0.43 -6.77
C ILE B 309 17.64 -0.59 -5.73
N THR B 310 16.99 -0.55 -4.56
CA THR B 310 17.44 -1.40 -3.45
C THR B 310 17.22 -2.87 -3.76
N LEU B 311 16.10 -3.22 -4.40
CA LEU B 311 15.85 -4.62 -4.71
C LEU B 311 16.75 -5.13 -5.82
N LYS B 312 17.19 -4.25 -6.72
CA LYS B 312 18.02 -4.70 -7.84
C LYS B 312 19.47 -4.90 -7.41
N LYS B 313 19.98 -4.05 -6.54
CA LYS B 313 21.39 -4.11 -6.14
C LYS B 313 21.65 -5.32 -5.23
N HIS B 321 30.45 -11.58 -8.83
CA HIS B 321 31.77 -12.18 -8.92
C HIS B 321 31.90 -13.33 -7.92
N HIS B 322 31.54 -13.08 -6.66
CA HIS B 322 31.87 -13.98 -5.57
C HIS B 322 30.64 -14.70 -4.99
N HIS B 323 29.58 -14.87 -5.78
CA HIS B 323 28.35 -15.45 -5.22
C HIS B 323 28.49 -16.96 -5.00
N HIS B 324 29.04 -17.67 -5.99
CA HIS B 324 29.20 -19.12 -5.92
C HIS B 324 30.43 -19.50 -5.08
N HIS B 325 31.52 -18.77 -5.27
CA HIS B 325 32.73 -18.86 -4.48
C HIS B 325 33.46 -17.55 -4.69
N HIS B 326 34.49 -17.29 -3.89
CA HIS B 326 35.21 -16.03 -4.11
C HIS B 326 36.13 -16.16 -5.31
#